data_1I7G
#
_entry.id   1I7G
#
_cell.length_a   76.968
_cell.length_b   76.968
_cell.length_c   100.592
_cell.angle_alpha   90.00
_cell.angle_beta   90.00
_cell.angle_gamma   120.00
#
_symmetry.space_group_name_H-M   'P 31 2 1'
#
loop_
_entity.id
_entity.type
_entity.pdbx_description
1 polymer 'PEROXISOME PROLIFERATOR ACTIVATED RECEPTOR ALPHA'
2 non-polymer 'SODIUM ION'
3 non-polymer '(2S)-2-ETHOXY-3-[4-(2-{4-[(METHYLSULFONYL)OXY]PHENYL}ETHOXY)PHENYL]PROPANOIC ACID'
4 non-polymer N,N-BIS(3-D-GLUCONAMIDOPROPYL)DEOXYCHOLAMIDE
5 water water
#
_entity_poly.entity_id   1
_entity_poly.type   'polypeptide(L)'
_entity_poly.pdbx_seq_one_letter_code
;GSHMSGEDSETEADEDSETADLKSLAKRIYEAYLKNFNMNKVKARVILSGKASNNPPFVIHDMETLCMAEKTLVAKLVAN
GIQNKEAEVRIFHCCQCTSVETVTELTEFAKAIPGFANLDLNDQVTLLKYGVYEAIFAMLSSVMNKDGMLVAYGNGFITR
EFLKSLRKPFCDIMEPKFDFAMKFNALELDDSDISLFVAAIICCGDRPGLLNVGHIEKMQEGIVHVLRLHLQSNHPDDIF
LFPKLLQKMADLRQLVTEHAQLVQIIKKTESDAALHPLLQEIYRDMY
;
_entity_poly.pdbx_strand_id   A
#
# COMPACT_ATOMS: atom_id res chain seq x y z
N GLU A 18 14.58 -26.05 0.03
CA GLU A 18 16.01 -26.47 0.16
C GLU A 18 16.91 -25.25 0.34
N THR A 19 17.36 -24.69 -0.76
CA THR A 19 18.20 -23.51 -0.73
C THR A 19 18.08 -22.83 -2.08
N ALA A 20 17.81 -23.65 -3.09
CA ALA A 20 17.64 -23.14 -4.45
C ALA A 20 16.15 -22.86 -4.60
N ASP A 21 15.34 -23.51 -3.76
CA ASP A 21 13.90 -23.33 -3.78
C ASP A 21 13.53 -21.97 -3.20
N LEU A 22 14.37 -21.48 -2.28
CA LEU A 22 14.13 -20.19 -1.66
C LEU A 22 14.53 -19.08 -2.61
N LYS A 23 15.64 -19.29 -3.31
CA LYS A 23 16.11 -18.30 -4.28
C LYS A 23 15.02 -18.21 -5.33
N SER A 24 14.46 -19.37 -5.67
CA SER A 24 13.41 -19.45 -6.66
C SER A 24 12.15 -18.71 -6.20
N LEU A 25 11.75 -18.93 -4.95
CA LEU A 25 10.57 -18.28 -4.38
C LEU A 25 10.78 -16.78 -4.32
N ALA A 26 11.90 -16.36 -3.74
CA ALA A 26 12.24 -14.94 -3.60
C ALA A 26 12.35 -14.22 -4.94
N LYS A 27 13.06 -14.83 -5.89
CA LYS A 27 13.24 -14.22 -7.20
C LYS A 27 11.90 -14.02 -7.95
N ARG A 28 11.08 -15.05 -7.97
CA ARG A 28 9.79 -14.97 -8.64
C ARG A 28 8.91 -13.88 -8.04
N ILE A 29 8.99 -13.71 -6.71
CA ILE A 29 8.19 -12.69 -6.05
C ILE A 29 8.72 -11.29 -6.37
N TYR A 30 10.03 -11.12 -6.34
CA TYR A 30 10.62 -9.82 -6.63
C TYR A 30 10.38 -9.36 -8.07
N GLU A 31 10.48 -10.29 -9.02
CA GLU A 31 10.25 -9.95 -10.42
C GLU A 31 8.81 -9.57 -10.66
N ALA A 32 7.90 -10.24 -9.96
CA ALA A 32 6.48 -9.94 -10.08
C ALA A 32 6.25 -8.53 -9.58
N TYR A 33 6.93 -8.19 -8.49
CA TYR A 33 6.82 -6.86 -7.89
C TYR A 33 7.31 -5.81 -8.90
N LEU A 34 8.49 -6.05 -9.48
CA LEU A 34 9.04 -5.12 -10.44
C LEU A 34 8.14 -5.02 -11.67
N LYS A 35 7.52 -6.13 -12.04
CA LYS A 35 6.63 -6.15 -13.20
C LYS A 35 5.31 -5.43 -13.00
N ASN A 36 4.63 -5.73 -11.90
CA ASN A 36 3.32 -5.19 -11.67
C ASN A 36 3.10 -3.84 -11.02
N PHE A 37 4.07 -3.29 -10.32
CA PHE A 37 3.85 -1.99 -9.72
C PHE A 37 4.52 -0.87 -10.48
N ASN A 38 3.70 -0.06 -11.14
CA ASN A 38 4.19 1.07 -11.94
C ASN A 38 5.10 1.95 -11.11
N MET A 39 4.75 2.13 -9.85
CA MET A 39 5.52 2.94 -8.94
C MET A 39 6.05 2.06 -7.81
N ASN A 40 7.29 2.31 -7.39
CA ASN A 40 7.89 1.58 -6.29
C ASN A 40 8.81 2.51 -5.51
N LYS A 41 9.42 2.02 -4.44
CA LYS A 41 10.25 2.89 -3.64
C LYS A 41 11.44 3.52 -4.36
N VAL A 42 12.20 2.72 -5.10
CA VAL A 42 13.37 3.27 -5.78
C VAL A 42 12.96 4.36 -6.77
N LYS A 43 11.89 4.13 -7.53
CA LYS A 43 11.43 5.12 -8.49
C LYS A 43 10.94 6.39 -7.80
N ALA A 44 10.26 6.23 -6.66
CA ALA A 44 9.75 7.38 -5.93
C ALA A 44 10.91 8.19 -5.33
N ARG A 45 11.96 7.49 -4.93
CA ARG A 45 13.13 8.14 -4.36
C ARG A 45 13.88 8.92 -5.44
N VAL A 46 14.06 8.28 -6.59
CA VAL A 46 14.73 8.92 -7.73
C VAL A 46 14.03 10.21 -8.15
N ILE A 47 12.78 10.39 -7.73
CA ILE A 47 11.98 11.59 -8.04
C ILE A 47 12.05 12.60 -6.90
N LEU A 48 11.94 12.11 -5.67
CA LEU A 48 12.01 12.99 -4.52
C LEU A 48 13.45 13.51 -4.40
N SER A 49 14.26 13.21 -5.41
CA SER A 49 15.65 13.63 -5.47
C SER A 49 16.00 14.09 -6.89
N GLY A 50 15.21 13.65 -7.86
CA GLY A 50 15.43 14.03 -9.24
C GLY A 50 16.71 13.50 -9.85
N SER A 53 17.36 17.73 -13.89
CA SER A 53 16.60 16.63 -13.33
C SER A 53 15.60 16.07 -14.35
N ASN A 54 15.13 14.85 -14.09
CA ASN A 54 14.19 14.20 -15.00
C ASN A 54 12.77 14.77 -14.86
N ASN A 55 12.63 16.08 -15.06
CA ASN A 55 11.33 16.77 -14.98
C ASN A 55 10.73 16.68 -13.57
N PRO A 56 11.01 17.66 -12.71
CA PRO A 56 10.52 17.71 -11.32
C PRO A 56 9.01 17.51 -11.19
N PRO A 57 8.55 17.19 -9.97
CA PRO A 57 7.13 16.96 -9.69
C PRO A 57 6.42 18.27 -9.35
N PHE A 58 5.30 18.53 -10.01
CA PHE A 58 4.53 19.74 -9.74
C PHE A 58 4.08 19.70 -8.27
N VAL A 59 4.17 20.84 -7.57
CA VAL A 59 3.79 20.88 -6.17
C VAL A 59 2.41 21.45 -5.85
N ILE A 60 1.68 20.73 -5.00
CA ILE A 60 0.36 21.17 -4.55
C ILE A 60 0.47 21.48 -3.07
N HIS A 61 0.39 22.76 -2.72
CA HIS A 61 0.52 23.18 -1.34
C HIS A 61 -0.60 24.13 -0.94
N ASP A 62 -1.53 24.36 -1.86
CA ASP A 62 -2.64 25.26 -1.61
C ASP A 62 -3.76 25.02 -2.61
N MET A 63 -4.93 25.60 -2.36
CA MET A 63 -6.06 25.42 -3.26
C MET A 63 -5.67 25.86 -4.67
N GLU A 64 -5.01 27.01 -4.76
CA GLU A 64 -4.57 27.55 -6.05
C GLU A 64 -3.86 26.50 -6.88
N THR A 65 -2.82 25.90 -6.30
CA THR A 65 -2.08 24.87 -7.01
C THR A 65 -2.88 23.59 -7.19
N LEU A 66 -3.79 23.31 -6.25
CA LEU A 66 -4.62 22.11 -6.34
C LEU A 66 -5.48 22.17 -7.60
N CYS A 67 -6.24 23.26 -7.74
CA CYS A 67 -7.09 23.44 -8.91
C CYS A 67 -6.22 23.44 -10.15
N MET A 68 -5.09 24.15 -10.04
CA MET A 68 -4.14 24.26 -11.13
C MET A 68 -3.74 22.85 -11.56
N ALA A 69 -3.38 22.03 -10.57
CA ALA A 69 -2.95 20.65 -10.81
C ALA A 69 -4.07 19.75 -11.34
N GLU A 70 -5.30 20.03 -10.95
CA GLU A 70 -6.43 19.23 -11.40
C GLU A 70 -6.75 19.56 -12.85
N LYS A 71 -6.58 20.84 -13.21
CA LYS A 71 -6.84 21.28 -14.57
C LYS A 71 -5.87 20.66 -15.58
N THR A 72 -4.90 19.90 -15.08
CA THR A 72 -3.91 19.24 -15.92
C THR A 72 -3.52 17.87 -15.34
N LEU A 73 -4.09 17.55 -14.19
CA LEU A 73 -3.82 16.28 -13.50
C LEU A 73 -4.68 16.14 -12.25
N GLN A 83 -14.24 17.30 -11.55
CA GLN A 83 -15.64 17.53 -11.20
C GLN A 83 -15.84 18.96 -10.73
N ASN A 84 -16.81 19.16 -9.84
CA ASN A 84 -17.12 20.48 -9.31
C ASN A 84 -17.58 20.41 -7.85
N LYS A 85 -17.20 19.34 -7.17
CA LYS A 85 -17.56 19.18 -5.76
C LYS A 85 -16.55 19.94 -4.92
N GLU A 86 -16.76 19.95 -3.61
CA GLU A 86 -15.86 20.63 -2.68
C GLU A 86 -14.44 20.06 -2.86
N ALA A 87 -13.43 20.89 -2.61
CA ALA A 87 -12.02 20.47 -2.75
C ALA A 87 -11.73 19.18 -1.98
N GLU A 88 -12.07 19.18 -0.70
CA GLU A 88 -11.86 18.02 0.15
C GLU A 88 -12.42 16.74 -0.45
N VAL A 89 -13.59 16.84 -1.06
CA VAL A 89 -14.21 15.68 -1.66
C VAL A 89 -13.53 15.23 -2.96
N ARG A 90 -12.99 16.18 -3.72
CA ARG A 90 -12.28 15.83 -4.95
C ARG A 90 -11.04 15.00 -4.57
N ILE A 91 -10.36 15.41 -3.52
CA ILE A 91 -9.17 14.69 -3.05
C ILE A 91 -9.56 13.30 -2.54
N PHE A 92 -10.63 13.26 -1.74
CA PHE A 92 -11.15 12.00 -1.21
C PHE A 92 -11.30 11.05 -2.39
N HIS A 93 -11.90 11.56 -3.47
CA HIS A 93 -12.11 10.77 -4.68
C HIS A 93 -10.82 10.32 -5.39
N CYS A 94 -9.84 11.22 -5.52
CA CYS A 94 -8.60 10.85 -6.19
C CYS A 94 -7.85 9.77 -5.42
N CYS A 95 -7.87 9.86 -4.08
CA CYS A 95 -7.20 8.85 -3.29
C CYS A 95 -7.81 7.49 -3.64
N GLN A 96 -9.12 7.46 -3.83
CA GLN A 96 -9.80 6.23 -4.17
C GLN A 96 -9.35 5.70 -5.54
N CYS A 97 -9.10 6.62 -6.47
CA CYS A 97 -8.64 6.22 -7.80
C CYS A 97 -7.30 5.53 -7.68
N THR A 98 -6.47 6.02 -6.77
CA THR A 98 -5.16 5.42 -6.55
C THR A 98 -5.32 4.00 -6.00
N SER A 99 -6.21 3.85 -5.01
CA SER A 99 -6.48 2.53 -4.41
C SER A 99 -6.93 1.52 -5.44
N VAL A 100 -7.90 1.92 -6.26
CA VAL A 100 -8.43 1.03 -7.28
C VAL A 100 -7.33 0.54 -8.22
N GLU A 101 -6.44 1.44 -8.62
CA GLU A 101 -5.34 1.06 -9.49
C GLU A 101 -4.42 0.09 -8.74
N THR A 102 -4.12 0.41 -7.48
CA THR A 102 -3.24 -0.46 -6.68
C THR A 102 -3.86 -1.84 -6.46
N VAL A 103 -5.17 -1.91 -6.29
CA VAL A 103 -5.83 -3.20 -6.08
C VAL A 103 -5.62 -4.05 -7.33
N THR A 104 -5.73 -3.42 -8.50
CA THR A 104 -5.53 -4.10 -9.77
C THR A 104 -4.10 -4.67 -9.86
N GLU A 105 -3.12 -3.83 -9.55
CA GLU A 105 -1.72 -4.23 -9.59
C GLU A 105 -1.42 -5.34 -8.59
N LEU A 106 -2.01 -5.23 -7.40
CA LEU A 106 -1.82 -6.24 -6.36
C LEU A 106 -2.38 -7.59 -6.79
N THR A 107 -3.46 -7.56 -7.57
CA THR A 107 -4.09 -8.79 -8.04
C THR A 107 -3.15 -9.49 -9.03
N GLU A 108 -2.57 -8.73 -9.95
CA GLU A 108 -1.64 -9.28 -10.93
C GLU A 108 -0.38 -9.73 -10.21
N PHE A 109 0.06 -8.94 -9.24
CA PHE A 109 1.24 -9.29 -8.46
C PHE A 109 1.00 -10.63 -7.75
N ALA A 110 -0.17 -10.78 -7.13
CA ALA A 110 -0.53 -11.99 -6.40
C ALA A 110 -0.60 -13.23 -7.28
N LYS A 111 -1.17 -13.09 -8.48
CA LYS A 111 -1.29 -14.20 -9.39
C LYS A 111 0.08 -14.77 -9.74
N ALA A 112 1.13 -13.98 -9.51
CA ALA A 112 2.48 -14.40 -9.82
C ALA A 112 3.24 -14.93 -8.60
N ILE A 113 2.66 -14.77 -7.42
CA ILE A 113 3.32 -15.29 -6.21
C ILE A 113 3.22 -16.81 -6.28
N PRO A 114 4.37 -17.50 -6.25
CA PRO A 114 4.40 -18.97 -6.30
C PRO A 114 3.31 -19.68 -5.49
N GLY A 115 2.47 -20.45 -6.19
CA GLY A 115 1.41 -21.19 -5.52
C GLY A 115 0.08 -20.47 -5.38
N PHE A 116 0.07 -19.15 -5.59
CA PHE A 116 -1.17 -18.39 -5.46
C PHE A 116 -2.20 -18.76 -6.52
N ALA A 117 -1.76 -18.87 -7.76
CA ALA A 117 -2.64 -19.21 -8.87
C ALA A 117 -3.26 -20.60 -8.70
N ASN A 118 -2.57 -21.50 -8.01
CA ASN A 118 -3.08 -22.84 -7.76
C ASN A 118 -4.17 -22.84 -6.71
N LEU A 119 -4.27 -21.77 -5.95
CA LEU A 119 -5.30 -21.69 -4.93
C LEU A 119 -6.64 -21.60 -5.63
N ASP A 120 -7.69 -21.98 -4.91
CA ASP A 120 -9.04 -21.91 -5.45
C ASP A 120 -9.33 -20.44 -5.66
N LEU A 121 -10.07 -20.12 -6.72
CA LEU A 121 -10.41 -18.73 -7.02
C LEU A 121 -11.06 -18.04 -5.83
N ASN A 122 -11.88 -18.77 -5.09
CA ASN A 122 -12.53 -18.19 -3.92
C ASN A 122 -11.48 -17.83 -2.86
N ASP A 123 -10.46 -18.67 -2.72
CA ASP A 123 -9.39 -18.39 -1.77
C ASP A 123 -8.53 -17.25 -2.26
N GLN A 124 -8.45 -17.07 -3.57
CA GLN A 124 -7.64 -15.99 -4.12
C GLN A 124 -8.30 -14.65 -3.86
N VAL A 125 -9.62 -14.58 -4.03
CA VAL A 125 -10.34 -13.33 -3.80
C VAL A 125 -10.44 -13.04 -2.30
N THR A 126 -10.56 -14.11 -1.49
CA THR A 126 -10.62 -13.92 -0.05
C THR A 126 -9.29 -13.33 0.42
N LEU A 127 -8.18 -13.86 -0.07
CA LEU A 127 -6.87 -13.32 0.31
C LEU A 127 -6.70 -11.86 -0.14
N LEU A 128 -6.99 -11.59 -1.41
CA LEU A 128 -6.90 -10.23 -1.94
C LEU A 128 -7.85 -9.30 -1.21
N LYS A 129 -9.08 -9.78 -1.01
CA LYS A 129 -10.12 -9.00 -0.35
C LYS A 129 -9.74 -8.55 1.05
N TYR A 130 -9.14 -9.44 1.84
CA TYR A 130 -8.75 -9.09 3.19
C TYR A 130 -7.35 -8.51 3.33
N GLY A 131 -6.53 -8.57 2.29
CA GLY A 131 -5.19 -8.03 2.40
C GLY A 131 -4.77 -6.86 1.53
N VAL A 132 -5.62 -6.37 0.63
CA VAL A 132 -5.21 -5.26 -0.23
C VAL A 132 -4.91 -3.96 0.48
N TYR A 133 -5.72 -3.61 1.48
CA TYR A 133 -5.47 -2.37 2.19
C TYR A 133 -4.22 -2.38 3.05
N GLU A 134 -3.90 -3.53 3.65
CA GLU A 134 -2.68 -3.60 4.43
C GLU A 134 -1.51 -3.41 3.45
N ALA A 135 -1.62 -4.03 2.28
CA ALA A 135 -0.59 -3.93 1.26
C ALA A 135 -0.50 -2.53 0.69
N ILE A 136 -1.64 -1.87 0.51
CA ILE A 136 -1.65 -0.51 -0.01
C ILE A 136 -0.91 0.45 0.91
N PHE A 137 -1.22 0.42 2.20
CA PHE A 137 -0.57 1.34 3.12
C PHE A 137 0.88 0.99 3.38
N ALA A 138 1.21 -0.30 3.24
CA ALA A 138 2.57 -0.74 3.41
C ALA A 138 3.41 -0.13 2.28
N MET A 139 2.82 -0.05 1.09
CA MET A 139 3.52 0.49 -0.07
C MET A 139 3.45 2.00 -0.24
N LEU A 140 2.40 2.62 0.33
CA LEU A 140 2.24 4.06 0.22
C LEU A 140 3.41 4.80 0.87
N SER A 141 3.96 4.23 1.94
CA SER A 141 5.09 4.85 2.62
C SER A 141 6.23 5.16 1.65
N SER A 142 6.36 4.37 0.57
CA SER A 142 7.43 4.59 -0.41
C SER A 142 7.38 5.95 -1.09
N VAL A 143 6.18 6.47 -1.32
CA VAL A 143 6.03 7.75 -1.99
C VAL A 143 5.90 8.93 -1.04
N MET A 144 6.18 8.70 0.23
CA MET A 144 6.07 9.75 1.22
C MET A 144 7.35 10.13 1.96
N ASN A 145 7.52 11.42 2.24
CA ASN A 145 8.64 11.87 3.05
C ASN A 145 7.96 12.71 4.12
N LYS A 146 8.72 13.28 5.06
CA LYS A 146 8.10 14.06 6.13
C LYS A 146 7.40 15.34 5.68
N ASP A 147 7.56 15.73 4.43
CA ASP A 147 6.94 16.97 3.97
C ASP A 147 5.75 16.80 3.05
N GLY A 148 5.59 15.63 2.48
CA GLY A 148 4.47 15.44 1.59
C GLY A 148 4.58 14.12 0.87
N MET A 149 3.86 13.98 -0.22
CA MET A 149 3.89 12.74 -0.94
C MET A 149 3.66 12.90 -2.43
N LEU A 150 4.11 11.89 -3.18
CA LEU A 150 3.95 11.87 -4.62
C LEU A 150 2.53 11.49 -5.05
N VAL A 151 2.00 12.24 -6.01
CA VAL A 151 0.67 12.00 -6.54
C VAL A 151 0.79 11.98 -8.07
N ALA A 152 -0.34 11.86 -8.76
CA ALA A 152 -0.38 11.85 -10.21
C ALA A 152 0.75 11.07 -10.91
N TYR A 153 0.91 9.80 -10.51
CA TYR A 153 1.93 8.91 -11.07
C TYR A 153 3.37 9.40 -11.00
N GLY A 154 3.67 10.28 -10.06
CA GLY A 154 5.03 10.79 -9.93
C GLY A 154 5.18 12.23 -10.41
N ASN A 155 4.21 12.69 -11.20
CA ASN A 155 4.25 14.04 -11.77
C ASN A 155 3.84 15.14 -10.79
N GLY A 156 3.35 14.74 -9.63
CA GLY A 156 2.95 15.71 -8.63
C GLY A 156 3.42 15.34 -7.24
N PHE A 157 3.43 16.31 -6.34
CA PHE A 157 3.84 16.08 -4.96
C PHE A 157 2.89 16.93 -4.13
N ILE A 158 2.09 16.30 -3.27
CA ILE A 158 1.17 17.08 -2.45
C ILE A 158 1.75 17.28 -1.06
N THR A 159 1.56 18.48 -0.54
CA THR A 159 2.07 18.88 0.77
C THR A 159 1.33 18.35 1.99
N ARG A 160 2.09 17.91 2.98
CA ARG A 160 1.53 17.38 4.22
C ARG A 160 0.79 18.47 4.99
N GLU A 161 1.29 19.69 4.93
CA GLU A 161 0.65 20.80 5.63
C GLU A 161 -0.66 21.13 4.93
N PHE A 162 -0.67 21.00 3.61
CA PHE A 162 -1.88 21.27 2.86
C PHE A 162 -2.96 20.25 3.23
N LEU A 163 -2.59 18.97 3.25
CA LEU A 163 -3.55 17.93 3.61
C LEU A 163 -4.08 18.19 5.00
N LYS A 164 -3.22 18.68 5.89
CA LYS A 164 -3.64 18.99 7.27
C LYS A 164 -4.49 20.25 7.36
N SER A 165 -4.45 21.10 6.33
CA SER A 165 -5.24 22.33 6.36
C SER A 165 -6.68 22.07 5.93
N LEU A 166 -6.93 20.90 5.35
CA LEU A 166 -8.25 20.56 4.87
C LEU A 166 -9.28 20.53 6.00
N ARG A 167 -10.53 20.73 5.62
CA ARG A 167 -11.63 20.71 6.58
C ARG A 167 -11.69 19.33 7.23
N LYS A 168 -12.05 19.32 8.51
CA LYS A 168 -12.20 18.08 9.26
C LYS A 168 -13.49 17.48 8.72
N PRO A 169 -13.56 16.14 8.59
CA PRO A 169 -12.60 15.09 8.92
C PRO A 169 -11.62 14.73 7.79
N PHE A 170 -11.67 15.45 6.68
CA PHE A 170 -10.78 15.14 5.57
C PHE A 170 -9.30 15.30 5.92
N CYS A 171 -8.99 16.22 6.82
CA CYS A 171 -7.61 16.44 7.22
C CYS A 171 -7.12 15.31 8.11
N ASP A 172 -8.00 14.40 8.48
CA ASP A 172 -7.62 13.29 9.34
C ASP A 172 -7.27 12.01 8.59
N ILE A 173 -7.46 12.04 7.27
CA ILE A 173 -7.16 10.90 6.43
C ILE A 173 -5.68 10.58 6.29
N MET A 174 -4.91 11.54 5.80
CA MET A 174 -3.49 11.31 5.55
C MET A 174 -2.50 11.41 6.70
N GLU A 175 -2.71 12.36 7.62
CA GLU A 175 -1.79 12.55 8.73
C GLU A 175 -1.38 11.27 9.45
N PRO A 176 -2.35 10.39 9.80
CA PRO A 176 -1.97 9.16 10.49
C PRO A 176 -1.04 8.29 9.62
N LYS A 177 -1.23 8.34 8.30
CA LYS A 177 -0.38 7.57 7.40
C LYS A 177 1.05 8.11 7.39
N PHE A 178 1.18 9.41 7.59
CA PHE A 178 2.50 10.04 7.66
C PHE A 178 3.21 9.60 8.93
N ASP A 179 2.44 9.46 10.01
CA ASP A 179 3.01 9.02 11.28
C ASP A 179 3.60 7.63 11.07
N PHE A 180 2.82 6.75 10.47
CA PHE A 180 3.25 5.39 10.21
C PHE A 180 4.44 5.33 9.26
N ALA A 181 4.32 6.04 8.15
CA ALA A 181 5.37 6.08 7.13
C ALA A 181 6.74 6.47 7.69
N MET A 182 6.78 7.51 8.50
CA MET A 182 8.05 7.94 9.08
C MET A 182 8.70 6.83 9.90
N LYS A 183 7.90 6.07 10.63
CA LYS A 183 8.44 4.97 11.41
C LYS A 183 8.81 3.81 10.49
N PHE A 184 7.96 3.55 9.50
CA PHE A 184 8.22 2.48 8.55
C PHE A 184 9.45 2.81 7.69
N ASN A 185 9.54 4.03 7.19
CA ASN A 185 10.68 4.42 6.38
C ASN A 185 11.97 4.46 7.19
N ALA A 186 11.85 4.60 8.50
CA ALA A 186 13.02 4.59 9.37
C ALA A 186 13.69 3.21 9.29
N LEU A 187 12.91 2.18 8.92
CA LEU A 187 13.46 0.83 8.78
C LEU A 187 14.36 0.73 7.54
N GLU A 188 14.26 1.72 6.66
CA GLU A 188 15.04 1.76 5.43
C GLU A 188 14.97 0.50 4.57
N LEU A 189 13.75 0.03 4.29
CA LEU A 189 13.60 -1.16 3.47
C LEU A 189 13.72 -0.75 2.01
N ASP A 190 14.17 -1.68 1.17
CA ASP A 190 14.24 -1.40 -0.25
C ASP A 190 13.13 -2.26 -0.87
N ASP A 191 12.90 -2.08 -2.15
CA ASP A 191 11.87 -2.81 -2.88
C ASP A 191 11.92 -4.32 -2.77
N SER A 192 13.11 -4.92 -2.77
CA SER A 192 13.17 -6.37 -2.66
C SER A 192 12.60 -6.80 -1.30
N ASP A 193 12.89 -6.04 -0.24
CA ASP A 193 12.36 -6.36 1.09
C ASP A 193 10.84 -6.16 1.09
N ILE A 194 10.40 -5.08 0.47
CA ILE A 194 8.99 -4.76 0.43
C ILE A 194 8.17 -5.78 -0.34
N SER A 195 8.72 -6.29 -1.45
CA SER A 195 8.02 -7.27 -2.27
C SER A 195 7.75 -8.53 -1.48
N LEU A 196 8.70 -8.94 -0.66
CA LEU A 196 8.53 -10.13 0.16
C LEU A 196 7.51 -9.86 1.27
N PHE A 197 7.61 -8.67 1.86
CA PHE A 197 6.72 -8.24 2.92
C PHE A 197 5.26 -8.22 2.43
N VAL A 198 5.04 -7.66 1.24
CA VAL A 198 3.70 -7.59 0.70
C VAL A 198 3.17 -8.99 0.41
N ALA A 199 4.04 -9.87 -0.07
CA ALA A 199 3.65 -11.24 -0.36
C ALA A 199 3.18 -11.94 0.93
N ALA A 200 3.85 -11.65 2.04
CA ALA A 200 3.50 -12.24 3.33
C ALA A 200 2.17 -11.67 3.84
N ILE A 201 1.91 -10.42 3.52
CA ILE A 201 0.67 -9.80 3.93
C ILE A 201 -0.51 -10.46 3.22
N ILE A 202 -0.33 -10.72 1.93
CA ILE A 202 -1.37 -11.32 1.12
C ILE A 202 -1.65 -12.79 1.41
N CYS A 203 -0.59 -13.59 1.53
CA CYS A 203 -0.74 -15.01 1.79
C CYS A 203 -0.95 -15.31 3.27
N CYS A 204 -2.04 -14.78 3.81
CA CYS A 204 -2.38 -14.93 5.21
C CYS A 204 -3.40 -16.05 5.45
N GLY A 205 -3.10 -16.92 6.42
CA GLY A 205 -3.98 -18.03 6.73
C GLY A 205 -5.09 -17.66 7.70
N ASP A 206 -4.99 -16.48 8.29
CA ASP A 206 -5.98 -16.03 9.25
C ASP A 206 -7.25 -15.48 8.63
N ARG A 207 -7.21 -15.14 7.35
CA ARG A 207 -8.37 -14.60 6.68
C ARG A 207 -9.57 -15.52 6.86
N PRO A 208 -10.71 -14.96 7.29
CA PRO A 208 -11.94 -15.74 7.51
C PRO A 208 -12.56 -16.22 6.20
N GLY A 209 -13.12 -17.43 6.23
CA GLY A 209 -13.75 -17.96 5.03
C GLY A 209 -12.86 -18.71 4.05
N LEU A 210 -11.61 -18.97 4.43
CA LEU A 210 -10.70 -19.69 3.53
C LEU A 210 -11.11 -21.15 3.40
N LEU A 211 -10.87 -21.71 2.22
CA LEU A 211 -11.21 -23.10 1.95
C LEU A 211 -10.03 -24.02 2.24
N ASN A 212 -8.95 -23.85 1.49
CA ASN A 212 -7.76 -24.67 1.68
C ASN A 212 -6.77 -23.88 2.54
N VAL A 213 -7.13 -23.68 3.80
CA VAL A 213 -6.30 -22.93 4.75
C VAL A 213 -4.94 -23.58 4.98
N GLY A 214 -4.84 -24.87 4.71
CA GLY A 214 -3.58 -25.59 4.89
C GLY A 214 -2.50 -25.25 3.88
N HIS A 215 -2.87 -25.19 2.60
CA HIS A 215 -1.90 -24.86 1.55
C HIS A 215 -1.43 -23.42 1.72
N ILE A 216 -2.38 -22.52 1.96
CA ILE A 216 -2.07 -21.11 2.15
C ILE A 216 -1.09 -20.95 3.30
N GLU A 217 -1.23 -21.85 4.27
CA GLU A 217 -0.37 -21.85 5.44
C GLU A 217 1.06 -22.24 5.06
N LYS A 218 1.18 -23.20 4.14
CA LYS A 218 2.50 -23.63 3.70
C LYS A 218 3.14 -22.47 2.94
N MET A 219 2.36 -21.80 2.10
CA MET A 219 2.87 -20.66 1.34
C MET A 219 3.38 -19.59 2.29
N GLN A 220 2.55 -19.21 3.25
CA GLN A 220 2.91 -18.19 4.23
C GLN A 220 4.23 -18.50 4.93
N GLU A 221 4.35 -19.74 5.39
CA GLU A 221 5.56 -20.18 6.09
C GLU A 221 6.81 -20.02 5.23
N GLY A 222 6.72 -20.39 3.96
CA GLY A 222 7.86 -20.28 3.07
C GLY A 222 8.22 -18.84 2.77
N ILE A 223 7.20 -18.00 2.62
CA ILE A 223 7.42 -16.59 2.33
C ILE A 223 8.06 -15.87 3.52
N VAL A 224 7.54 -16.11 4.72
CA VAL A 224 8.07 -15.47 5.91
C VAL A 224 9.51 -15.94 6.16
N HIS A 225 9.75 -17.20 5.87
CA HIS A 225 11.08 -17.77 6.07
C HIS A 225 12.12 -17.11 5.16
N VAL A 226 11.82 -16.98 3.88
CA VAL A 226 12.78 -16.36 2.97
C VAL A 226 12.91 -14.85 3.22
N LEU A 227 11.83 -14.23 3.68
CA LEU A 227 11.84 -12.80 4.00
C LEU A 227 12.90 -12.54 5.07
N ARG A 228 12.84 -13.33 6.13
CA ARG A 228 13.77 -13.20 7.24
C ARG A 228 15.24 -13.44 6.82
N LEU A 229 15.48 -14.50 6.05
CA LEU A 229 16.82 -14.79 5.59
C LEU A 229 17.29 -13.69 4.64
N HIS A 230 16.39 -13.19 3.81
CA HIS A 230 16.72 -12.12 2.89
C HIS A 230 17.08 -10.84 3.63
N LEU A 231 16.38 -10.55 4.73
CA LEU A 231 16.65 -9.36 5.52
C LEU A 231 18.03 -9.41 6.17
N GLN A 232 18.35 -10.56 6.75
CA GLN A 232 19.63 -10.77 7.41
C GLN A 232 20.76 -10.62 6.38
N SER A 233 20.47 -11.04 5.16
CA SER A 233 21.44 -10.97 4.08
C SER A 233 21.50 -9.58 3.42
N ASN A 234 20.34 -8.95 3.25
CA ASN A 234 20.27 -7.64 2.61
C ASN A 234 20.56 -6.50 3.57
N HIS A 235 20.42 -6.76 4.87
CA HIS A 235 20.67 -5.73 5.89
C HIS A 235 21.51 -6.29 7.05
N PRO A 236 22.79 -6.59 6.79
CA PRO A 236 23.72 -7.12 7.79
C PRO A 236 24.03 -6.17 8.95
N ASP A 237 23.71 -4.90 8.77
CA ASP A 237 23.95 -3.89 9.79
C ASP A 237 22.85 -3.81 10.84
N ASP A 238 21.72 -4.49 10.61
CA ASP A 238 20.62 -4.47 11.56
C ASP A 238 19.98 -5.85 11.64
N ILE A 239 20.53 -6.69 12.51
CA ILE A 239 20.04 -8.06 12.67
C ILE A 239 18.66 -8.12 13.31
N PHE A 240 18.20 -6.99 13.84
CA PHE A 240 16.88 -6.95 14.47
C PHE A 240 15.76 -6.43 13.54
N LEU A 241 16.06 -6.32 12.25
CA LEU A 241 15.09 -5.80 11.28
C LEU A 241 13.83 -6.67 11.14
N PHE A 242 14.02 -7.98 11.06
CA PHE A 242 12.91 -8.90 10.93
C PHE A 242 11.83 -8.66 12.00
N PRO A 243 12.19 -8.74 13.29
CA PRO A 243 11.21 -8.52 14.36
C PRO A 243 10.56 -7.13 14.27
N LYS A 244 11.35 -6.11 13.95
CA LYS A 244 10.79 -4.77 13.85
C LYS A 244 9.83 -4.66 12.68
N LEU A 245 10.10 -5.42 11.63
CA LEU A 245 9.23 -5.40 10.47
C LEU A 245 7.91 -6.08 10.82
N LEU A 246 8.01 -7.17 11.58
CA LEU A 246 6.81 -7.89 11.98
C LEU A 246 5.92 -7.04 12.87
N GLN A 247 6.53 -6.16 13.68
CA GLN A 247 5.74 -5.26 14.53
C GLN A 247 4.93 -4.35 13.61
N LYS A 248 5.51 -3.99 12.47
CA LYS A 248 4.81 -3.12 11.52
C LYS A 248 3.55 -3.73 10.97
N MET A 249 3.57 -5.03 10.67
CA MET A 249 2.37 -5.66 10.14
C MET A 249 1.26 -5.42 11.16
N ALA A 250 1.65 -5.45 12.42
CA ALA A 250 0.70 -5.24 13.50
C ALA A 250 0.14 -3.84 13.45
N ASP A 251 1.00 -2.84 13.35
CA ASP A 251 0.55 -1.47 13.30
C ASP A 251 -0.29 -1.19 12.05
N LEU A 252 -0.05 -1.96 10.98
CA LEU A 252 -0.78 -1.78 9.73
C LEU A 252 -2.25 -2.20 9.85
N ARG A 253 -2.50 -3.36 10.44
CA ARG A 253 -3.86 -3.83 10.59
C ARG A 253 -4.65 -2.81 11.38
N GLN A 254 -3.97 -2.21 12.35
CA GLN A 254 -4.55 -1.18 13.19
C GLN A 254 -4.87 0.06 12.36
N LEU A 255 -3.89 0.52 11.59
CA LEU A 255 -4.03 1.70 10.74
C LEU A 255 -5.20 1.50 9.78
N VAL A 256 -5.34 0.29 9.25
CA VAL A 256 -6.41 -0.06 8.32
C VAL A 256 -7.83 -0.02 8.90
N THR A 257 -8.03 -0.59 10.08
CA THR A 257 -9.39 -0.57 10.64
C THR A 257 -9.74 0.88 10.99
N GLU A 258 -8.74 1.66 11.40
CA GLU A 258 -8.98 3.06 11.73
C GLU A 258 -9.31 3.79 10.42
N HIS A 259 -8.60 3.43 9.36
CA HIS A 259 -8.83 4.05 8.06
C HIS A 259 -10.23 3.72 7.55
N ALA A 260 -10.58 2.44 7.60
CA ALA A 260 -11.88 1.98 7.14
C ALA A 260 -12.99 2.69 7.90
N GLN A 261 -12.80 2.87 9.20
CA GLN A 261 -13.80 3.56 10.00
C GLN A 261 -13.98 5.02 9.56
N LEU A 262 -12.87 5.71 9.30
CA LEU A 262 -12.94 7.11 8.86
C LEU A 262 -13.59 7.23 7.49
N VAL A 263 -13.32 6.27 6.60
CA VAL A 263 -13.92 6.30 5.27
C VAL A 263 -15.43 6.11 5.37
N GLN A 264 -15.86 5.22 6.25
CA GLN A 264 -17.29 4.97 6.45
C GLN A 264 -17.94 6.24 6.98
N ILE A 265 -17.30 6.84 7.97
CA ILE A 265 -17.79 8.08 8.58
C ILE A 265 -17.92 9.20 7.55
N ILE A 266 -16.91 9.35 6.69
CA ILE A 266 -16.95 10.40 5.67
C ILE A 266 -18.04 10.10 4.64
N LYS A 267 -18.10 8.87 4.18
CA LYS A 267 -19.11 8.52 3.21
C LYS A 267 -20.51 8.66 3.80
N LYS A 268 -20.67 8.37 5.09
CA LYS A 268 -21.99 8.48 5.69
C LYS A 268 -22.43 9.90 6.05
N THR A 269 -21.52 10.77 6.46
CA THR A 269 -21.92 12.13 6.82
C THR A 269 -21.88 13.14 5.68
N GLU A 270 -20.94 12.95 4.75
CA GLU A 270 -20.75 13.86 3.62
C GLU A 270 -21.48 13.40 2.36
N SER A 271 -22.65 13.99 2.08
CA SER A 271 -23.45 13.59 0.92
C SER A 271 -22.78 13.57 -0.46
N ASP A 272 -21.86 14.49 -0.73
CA ASP A 272 -21.18 14.50 -2.03
C ASP A 272 -20.05 13.48 -2.09
N ALA A 273 -19.57 13.04 -0.93
CA ALA A 273 -18.48 12.07 -0.86
C ALA A 273 -19.01 10.67 -1.05
N ALA A 274 -18.57 10.00 -2.11
CA ALA A 274 -19.03 8.65 -2.38
C ALA A 274 -17.89 7.64 -2.40
N LEU A 275 -18.26 6.37 -2.33
CA LEU A 275 -17.29 5.32 -2.32
C LEU A 275 -17.37 4.53 -3.63
N HIS A 276 -16.23 4.37 -4.27
CA HIS A 276 -16.13 3.63 -5.53
C HIS A 276 -16.73 2.24 -5.27
N PRO A 277 -17.54 1.73 -6.21
CA PRO A 277 -18.18 0.42 -6.08
C PRO A 277 -17.29 -0.77 -5.71
N LEU A 278 -16.07 -0.82 -6.22
CA LEU A 278 -15.19 -1.94 -5.88
C LEU A 278 -14.77 -1.79 -4.42
N LEU A 279 -14.35 -0.58 -4.04
CA LEU A 279 -13.92 -0.29 -2.68
C LEU A 279 -15.04 -0.48 -1.68
N GLN A 280 -16.26 -0.15 -2.10
CA GLN A 280 -17.42 -0.32 -1.22
C GLN A 280 -17.56 -1.80 -0.86
N GLU A 281 -17.46 -2.66 -1.86
CA GLU A 281 -17.61 -4.08 -1.63
C GLU A 281 -16.48 -4.73 -0.86
N ILE A 282 -15.27 -4.23 -1.05
CA ILE A 282 -14.12 -4.77 -0.32
C ILE A 282 -14.36 -4.45 1.16
N TYR A 283 -14.72 -3.21 1.44
CA TYR A 283 -14.99 -2.76 2.81
C TYR A 283 -16.12 -3.55 3.46
N ARG A 284 -17.08 -3.98 2.66
CA ARG A 284 -18.21 -4.75 3.17
C ARG A 284 -17.81 -6.12 3.70
N ASP A 285 -16.89 -6.78 3.01
CA ASP A 285 -16.46 -8.09 3.44
C ASP A 285 -15.42 -8.10 4.56
N MET A 286 -14.71 -6.99 4.73
CA MET A 286 -13.69 -6.91 5.78
C MET A 286 -14.32 -6.92 7.16
N TYR A 287 -15.55 -6.42 7.26
CA TYR A 287 -16.23 -6.37 8.56
C TYR A 287 -17.69 -6.81 8.48
#